data_6VCU
#
_entry.id   6VCU
#
_cell.length_a   53.593
_cell.length_b   53.593
_cell.length_c   126.891
_cell.angle_alpha   90.000
_cell.angle_beta   90.000
_cell.angle_gamma   120.000
#
_symmetry.space_group_name_H-M   'P 32'
#
loop_
_entity.id
_entity.type
_entity.pdbx_description
1 polymer 'Peptidyl-prolyl cis-trans isomerase FKBP1A'
2 non-polymer 'ACETATE ION'
3 non-polymer "N'-[(3S,4R,5S,8R,9E,12S,14S,15R,16S,18R,19R,26aS)-5,19-dihydroxy-3-{(1E)-1-[(1R,3R,4R)-4-hydroxy-3-methoxycyclohexyl]prop-1-en-2-yl}-14,16-dimethoxy-4,10,12,18-tetramethyl-1,20,21-trioxo-8-(prop-2-en-1-yl)-1,3,4,5,6,8,11,12,13,14,15,16,17,18,19,20,21,23,24,25,26,26a-docosahydro-7H-15,19-epoxypyrido[2,1-c][1,4]oxazacyclotricosin-7-ylidene]acetohydrazide"
4 water water
#
_entity_poly.entity_id   1
_entity_poly.type   'polypeptide(L)'
_entity_poly.pdbx_seq_one_letter_code
;GSHMGVQVETISPGDGRTFPKRGQTCVVHYTGMLEDGKKFDSSRDRNKPFKFMLGKQEVIRGWEEGVAQMSVGQRAKLTI
SPDYAYGATGHPGIIPPHATLVFDVELLKLE
;
_entity_poly.pdbx_strand_id   A,B,C,D
#
loop_
_chem_comp.id
_chem_comp.type
_chem_comp.name
_chem_comp.formula
ACT non-polymer 'ACETATE ION' 'C2 H3 O2 -1'
R27 non-polymer N'-[(3S,4R,5S,8R,9E,12S,14S,15R,16S,18R,19R,26aS)-5,19-dihydroxy-3-{(1E)-1-[(1R,3R,4R)-4-hydroxy-3-methoxycyclohexyl]prop-1-en-2-yl}-14,16-dimethoxy-4,10,12,18-tetramethyl-1,20,21-trioxo-8-(prop-2-en-1-yl)-1,3,4,5,6,8,11,12,13,14,15,16,17,18,19,20,21,23,24,25,26,26a-docosahydro-7H-15,19-epoxypyrido[2,1-c][1,4]oxazacyclotricosin-7-ylidene]acetohydrazide 'C46 H73 N3 O12'
#
# COMPACT_ATOMS: atom_id res chain seq x y z
N GLY A 5 -24.12 5.53 -1.26
CA GLY A 5 -22.69 5.45 -1.01
C GLY A 5 -21.89 6.47 -1.81
N VAL A 6 -22.38 6.82 -2.99
CA VAL A 6 -21.78 7.89 -3.78
C VAL A 6 -22.88 8.69 -4.45
N GLN A 7 -22.82 10.01 -4.31
CA GLN A 7 -23.66 10.95 -5.02
C GLN A 7 -22.81 11.62 -6.09
N VAL A 8 -23.38 11.78 -7.29
CA VAL A 8 -22.71 12.40 -8.42
C VAL A 8 -23.42 13.71 -8.74
N GLU A 9 -22.67 14.81 -8.70
CA GLU A 9 -23.21 16.12 -9.06
C GLU A 9 -22.32 16.71 -10.15
N THR A 10 -22.89 16.90 -11.33
CA THR A 10 -22.10 17.32 -12.48
C THR A 10 -21.71 18.79 -12.39
N ILE A 11 -20.44 19.06 -12.63
CA ILE A 11 -19.89 20.42 -12.67
C ILE A 11 -19.86 20.95 -14.09
N SER A 12 -19.38 20.13 -15.04
CA SER A 12 -19.43 20.42 -16.47
C SER A 12 -19.84 19.12 -17.17
N PRO A 13 -20.73 19.20 -18.15
CA PRO A 13 -21.24 17.96 -18.75
C PRO A 13 -20.20 17.25 -19.61
N GLY A 14 -20.33 15.93 -19.66
CA GLY A 14 -19.70 15.12 -20.67
C GLY A 14 -20.54 15.06 -21.95
N ASP A 15 -20.08 14.22 -22.88
CA ASP A 15 -20.82 14.10 -24.14
C ASP A 15 -22.11 13.30 -23.99
N GLY A 16 -22.34 12.68 -22.84
CA GLY A 16 -23.57 11.95 -22.58
C GLY A 16 -23.74 10.69 -23.38
N ARG A 17 -22.69 10.21 -24.04
CA ARG A 17 -22.78 9.08 -24.95
C ARG A 17 -21.66 8.07 -24.73
N THR A 18 -20.47 8.56 -24.39
CA THR A 18 -19.26 7.75 -24.32
C THR A 18 -18.96 7.46 -22.86
N PHE A 19 -19.36 6.28 -22.40
CA PHE A 19 -19.17 5.86 -21.02
C PHE A 19 -18.10 4.77 -20.94
N PRO A 20 -17.48 4.58 -19.78
CA PRO A 20 -16.52 3.48 -19.65
C PRO A 20 -17.18 2.13 -19.93
N LYS A 21 -16.52 1.31 -20.74
CA LYS A 21 -16.98 -0.01 -21.09
C LYS A 21 -15.92 -1.03 -20.68
N ARG A 22 -16.30 -2.30 -20.68
CA ARG A 22 -15.39 -3.36 -20.25
C ARG A 22 -14.12 -3.37 -21.09
N GLY A 23 -12.97 -3.44 -20.42
CA GLY A 23 -11.68 -3.48 -21.07
C GLY A 23 -11.05 -2.12 -21.28
N GLN A 24 -11.76 -1.03 -20.99
CA GLN A 24 -11.22 0.30 -21.22
C GLN A 24 -10.56 0.83 -19.96
N THR A 25 -9.62 1.74 -20.16
CA THR A 25 -8.94 2.41 -19.06
C THR A 25 -9.45 3.83 -18.97
N CYS A 26 -9.88 4.24 -17.78
CA CYS A 26 -10.33 5.60 -17.55
C CYS A 26 -9.10 6.45 -17.29
N VAL A 27 -9.04 7.63 -17.90
CA VAL A 27 -7.95 8.58 -17.66
C VAL A 27 -8.58 9.82 -17.08
N VAL A 28 -8.19 10.20 -15.85
CA VAL A 28 -8.84 11.27 -15.12
C VAL A 28 -7.83 12.22 -14.49
N HIS A 29 -8.33 13.42 -14.18
CA HIS A 29 -7.73 14.27 -13.17
C HIS A 29 -8.70 14.37 -12.00
N TYR A 30 -8.16 14.52 -10.79
CA TYR A 30 -9.04 14.62 -9.64
C TYR A 30 -8.41 15.53 -8.59
N THR A 31 -9.28 16.07 -7.75
CA THR A 31 -8.89 16.70 -6.49
C THR A 31 -9.78 16.09 -5.41
N GLY A 32 -9.17 15.64 -4.32
CA GLY A 32 -9.91 15.07 -3.20
C GLY A 32 -9.90 16.04 -2.02
N MET A 33 -11.08 16.22 -1.43
CA MET A 33 -11.23 17.11 -0.28
C MET A 33 -12.01 16.41 0.82
N LEU A 34 -11.78 16.84 2.06
CA LEU A 34 -12.61 16.41 3.16
C LEU A 34 -13.89 17.25 3.19
N GLU A 35 -14.83 16.87 4.08
CA GLU A 35 -16.09 17.59 4.19
C GLU A 35 -15.87 19.07 4.48
N ASP A 36 -14.83 19.40 5.25
CA ASP A 36 -14.54 20.81 5.51
C ASP A 36 -13.99 21.54 4.29
N GLY A 37 -13.88 20.87 3.15
CA GLY A 37 -13.41 21.49 1.93
C GLY A 37 -11.91 21.48 1.75
N LYS A 38 -11.16 21.03 2.75
CA LYS A 38 -9.71 21.08 2.66
C LYS A 38 -9.18 19.94 1.79
N LYS A 39 -8.33 20.28 0.84
CA LYS A 39 -7.77 19.33 -0.10
C LYS A 39 -6.76 18.41 0.59
N PHE A 40 -6.82 17.12 0.26
CA PHE A 40 -5.80 16.18 0.72
C PHE A 40 -4.99 15.55 -0.41
N ASP A 41 -5.41 15.69 -1.66
CA ASP A 41 -4.65 15.14 -2.79
C ASP A 41 -5.22 15.74 -4.08
N SER A 42 -4.38 15.85 -5.09
CA SER A 42 -4.87 16.24 -6.39
C SER A 42 -3.88 15.80 -7.45
N SER A 43 -4.37 15.14 -8.50
CA SER A 43 -3.50 14.83 -9.62
C SER A 43 -3.05 16.08 -10.37
N ARG A 44 -3.74 17.19 -10.19
CA ARG A 44 -3.37 18.40 -10.93
C ARG A 44 -2.15 19.05 -10.32
N ASP A 45 -1.93 18.83 -9.02
CA ASP A 45 -0.74 19.37 -8.36
C ASP A 45 0.53 18.76 -8.94
N ARG A 46 0.52 17.46 -9.23
CA ARG A 46 1.66 16.82 -9.87
C ARG A 46 1.49 16.72 -11.39
N ASN A 47 0.43 17.29 -11.95
CA ASN A 47 0.15 17.26 -13.39
C ASN A 47 0.38 15.88 -13.98
N LYS A 48 -0.35 14.91 -13.43
CA LYS A 48 -0.19 13.51 -13.79
C LYS A 48 -1.56 12.85 -13.76
N PRO A 49 -2.19 12.66 -14.92
CA PRO A 49 -3.47 11.97 -14.97
C PRO A 49 -3.38 10.60 -14.32
N PHE A 50 -4.46 10.20 -13.65
CA PHE A 50 -4.56 8.91 -13.00
C PHE A 50 -5.34 7.97 -13.92
N LYS A 51 -4.78 6.79 -14.17
CA LYS A 51 -5.39 5.79 -15.03
C LYS A 51 -5.82 4.58 -14.21
N PHE A 52 -7.01 4.06 -14.50
CA PHE A 52 -7.49 2.88 -13.79
C PHE A 52 -8.56 2.19 -14.64
N MET A 53 -8.81 0.93 -14.29
CA MET A 53 -9.84 0.12 -14.91
C MET A 53 -10.91 -0.20 -13.88
N LEU A 54 -12.15 -0.30 -14.35
CA LEU A 54 -13.25 -0.73 -13.49
C LEU A 54 -13.28 -2.26 -13.41
N GLY A 55 -13.90 -2.76 -12.33
CA GLY A 55 -14.09 -4.18 -12.14
C GLY A 55 -12.92 -4.95 -11.57
N LYS A 56 -11.90 -4.28 -11.02
CA LYS A 56 -10.70 -4.96 -10.55
C LYS A 56 -10.28 -4.52 -9.14
N GLN A 57 -11.17 -3.86 -8.40
CA GLN A 57 -10.79 -3.30 -7.09
C GLN A 57 -9.57 -2.40 -7.20
N GLU A 58 -9.49 -1.63 -8.29
CA GLU A 58 -8.39 -0.69 -8.47
C GLU A 58 -8.63 0.64 -7.77
N VAL A 59 -9.85 0.90 -7.34
CA VAL A 59 -10.21 2.16 -6.70
C VAL A 59 -11.26 1.90 -5.62
N ILE A 60 -11.42 2.88 -4.73
CA ILE A 60 -12.49 2.77 -3.73
C ILE A 60 -13.84 2.64 -4.42
N ARG A 61 -14.79 2.01 -3.71
CA ARG A 61 -16.07 1.67 -4.31
C ARG A 61 -16.81 2.91 -4.80
N GLY A 62 -16.71 4.02 -4.08
CA GLY A 62 -17.37 5.24 -4.54
C GLY A 62 -16.92 5.68 -5.92
N TRP A 63 -15.64 5.48 -6.24
CA TRP A 63 -15.16 5.77 -7.59
C TRP A 63 -15.63 4.72 -8.58
N GLU A 64 -15.57 3.45 -8.17
CA GLU A 64 -16.04 2.34 -9.01
C GLU A 64 -17.46 2.60 -9.51
N GLU A 65 -18.34 3.02 -8.60
CA GLU A 65 -19.73 3.25 -8.97
C GLU A 65 -19.98 4.64 -9.52
N GLY A 66 -19.18 5.64 -9.13
CA GLY A 66 -19.38 6.99 -9.61
C GLY A 66 -18.82 7.25 -10.99
N VAL A 67 -17.56 6.89 -11.22
CA VAL A 67 -16.94 7.18 -12.51
C VAL A 67 -17.60 6.33 -13.59
N ALA A 68 -18.13 5.15 -13.22
CA ALA A 68 -18.83 4.34 -14.21
C ALA A 68 -20.02 5.06 -14.83
N GLN A 69 -20.53 6.09 -14.14
CA GLN A 69 -21.68 6.87 -14.59
C GLN A 69 -21.30 8.10 -15.41
N MET A 70 -20.02 8.38 -15.54
CA MET A 70 -19.55 9.61 -16.18
C MET A 70 -19.27 9.35 -17.66
N SER A 71 -19.43 10.40 -18.46
CA SER A 71 -19.06 10.32 -19.87
C SER A 71 -17.84 11.19 -20.15
N VAL A 72 -17.19 10.94 -21.28
CA VAL A 72 -15.97 11.65 -21.63
C VAL A 72 -16.21 13.15 -21.66
N GLY A 73 -15.29 13.91 -21.04
CA GLY A 73 -15.42 15.36 -20.94
C GLY A 73 -16.11 15.83 -19.70
N GLN A 74 -16.74 14.93 -18.95
CA GLN A 74 -17.50 15.33 -17.78
C GLN A 74 -16.57 15.66 -16.62
N ARG A 75 -16.97 16.67 -15.85
CA ARG A 75 -16.37 17.00 -14.57
C ARG A 75 -17.47 16.87 -13.54
N ALA A 76 -17.25 16.08 -12.50
CA ALA A 76 -18.32 15.85 -11.54
C ALA A 76 -17.75 15.88 -10.14
N LYS A 77 -18.61 16.26 -9.20
CA LYS A 77 -18.33 16.17 -7.78
C LYS A 77 -18.91 14.87 -7.25
N LEU A 78 -18.06 13.99 -6.75
CA LEU A 78 -18.48 12.72 -6.15
C LEU A 78 -18.42 12.86 -4.63
N THR A 79 -19.55 12.71 -3.96
CA THR A 79 -19.57 12.75 -2.50
C THR A 79 -19.72 11.31 -2.02
N ILE A 80 -18.73 10.83 -1.26
CA ILE A 80 -18.58 9.41 -0.99
C ILE A 80 -18.62 9.17 0.52
N SER A 81 -19.55 8.31 0.95
CA SER A 81 -19.67 7.97 2.36
C SER A 81 -18.49 7.07 2.76
N PRO A 82 -18.19 6.99 4.06
CA PRO A 82 -17.06 6.14 4.47
C PRO A 82 -17.16 4.69 4.04
N ASP A 83 -18.37 4.10 4.02
CA ASP A 83 -18.50 2.72 3.55
C ASP A 83 -17.93 2.54 2.15
N TYR A 84 -18.04 3.56 1.30
CA TYR A 84 -17.59 3.54 -0.08
C TYR A 84 -16.19 4.13 -0.24
N ALA A 85 -15.53 4.45 0.88
CA ALA A 85 -14.18 4.98 0.88
C ALA A 85 -13.36 4.24 1.94
N TYR A 86 -12.81 4.95 2.94
CA TYR A 86 -11.87 4.30 3.85
C TYR A 86 -12.49 4.01 5.21
N GLY A 87 -13.82 4.10 5.33
CA GLY A 87 -14.51 3.55 6.48
C GLY A 87 -14.02 4.12 7.80
N ALA A 88 -14.05 3.28 8.84
CA ALA A 88 -13.64 3.67 10.18
C ALA A 88 -12.14 3.86 10.33
N THR A 89 -11.35 3.37 9.37
CA THR A 89 -9.90 3.42 9.51
C THR A 89 -9.30 4.72 8.98
N GLY A 90 -9.79 5.21 7.86
CA GLY A 90 -9.12 6.29 7.19
C GLY A 90 -7.95 5.77 6.37
N HIS A 91 -7.10 6.70 5.95
CA HIS A 91 -5.87 6.35 5.25
C HIS A 91 -4.73 7.04 6.00
N PRO A 92 -3.71 6.30 6.41
CA PRO A 92 -2.73 6.87 7.36
C PRO A 92 -2.13 8.16 6.85
N GLY A 93 -2.11 9.18 7.72
CA GLY A 93 -1.50 10.45 7.42
C GLY A 93 -2.24 11.32 6.42
N ILE A 94 -3.36 10.86 5.86
CA ILE A 94 -4.02 11.60 4.79
C ILE A 94 -5.51 11.80 5.06
N ILE A 95 -6.20 10.71 5.40
N ILE A 95 -6.21 10.72 5.43
CA ILE A 95 -7.65 10.70 5.58
CA ILE A 95 -7.66 10.76 5.56
C ILE A 95 -7.93 10.32 7.03
C ILE A 95 -8.02 10.28 6.97
N PRO A 96 -8.75 11.08 7.76
CA PRO A 96 -9.11 10.65 9.12
C PRO A 96 -10.14 9.55 9.14
N PRO A 97 -10.32 8.90 10.28
CA PRO A 97 -11.38 7.89 10.40
C PRO A 97 -12.75 8.50 10.10
N HIS A 98 -13.63 7.67 9.53
CA HIS A 98 -15.05 7.98 9.37
C HIS A 98 -15.29 9.19 8.48
N ALA A 99 -14.47 9.34 7.45
CA ALA A 99 -14.43 10.55 6.64
C ALA A 99 -15.29 10.42 5.38
N THR A 100 -16.28 11.29 5.27
CA THR A 100 -16.98 11.47 4.01
C THR A 100 -16.09 12.30 3.09
N LEU A 101 -15.90 11.83 1.85
CA LEU A 101 -14.96 12.48 0.92
C LEU A 101 -15.71 13.17 -0.21
N VAL A 102 -15.12 14.25 -0.71
CA VAL A 102 -15.61 14.92 -1.91
C VAL A 102 -14.48 14.97 -2.92
N PHE A 103 -14.69 14.33 -4.08
CA PHE A 103 -13.73 14.35 -5.17
C PHE A 103 -14.29 15.14 -6.34
N ASP A 104 -13.49 16.05 -6.88
CA ASP A 104 -13.78 16.65 -8.17
C ASP A 104 -13.04 15.83 -9.21
N VAL A 105 -13.78 15.19 -10.11
CA VAL A 105 -13.18 14.23 -11.04
C VAL A 105 -13.51 14.66 -12.46
N GLU A 106 -12.52 14.67 -13.33
CA GLU A 106 -12.73 14.95 -14.75
C GLU A 106 -12.32 13.74 -15.55
N LEU A 107 -13.25 13.22 -16.37
CA LEU A 107 -12.91 12.12 -17.26
C LEU A 107 -12.32 12.70 -18.54
N LEU A 108 -11.00 12.55 -18.69
CA LEU A 108 -10.31 13.13 -19.84
C LEU A 108 -10.55 12.32 -21.10
N LYS A 109 -10.48 11.00 -20.98
CA LYS A 109 -10.56 10.15 -22.16
C LYS A 109 -10.63 8.70 -21.69
N LEU A 110 -10.94 7.83 -22.64
CA LEU A 110 -10.88 6.39 -22.44
C LEU A 110 -9.81 5.82 -23.35
N GLU A 111 -9.09 4.84 -22.83
CA GLU A 111 -8.05 4.16 -23.61
C GLU A 111 -8.38 2.67 -23.69
N GLY B 5 18.90 -8.80 -13.35
CA GLY B 5 17.98 -8.46 -12.28
C GLY B 5 17.01 -9.59 -11.96
N VAL B 6 16.74 -10.46 -12.94
CA VAL B 6 15.93 -11.64 -12.69
C VAL B 6 16.48 -12.79 -13.51
N GLN B 7 16.71 -13.93 -12.85
CA GLN B 7 17.05 -15.18 -13.49
C GLN B 7 15.83 -16.10 -13.46
N VAL B 8 15.57 -16.78 -14.56
CA VAL B 8 14.45 -17.70 -14.69
C VAL B 8 14.98 -19.12 -14.82
N GLU B 9 14.61 -19.98 -13.88
CA GLU B 9 14.94 -21.41 -13.93
C GLU B 9 13.63 -22.19 -13.97
N THR B 10 13.44 -22.96 -15.03
CA THR B 10 12.19 -23.69 -15.18
C THR B 10 12.16 -24.92 -14.29
N ILE B 11 11.07 -25.07 -13.54
CA ILE B 11 10.80 -26.25 -12.73
C ILE B 11 10.00 -27.29 -13.51
N SER B 12 8.93 -26.84 -14.20
CA SER B 12 8.14 -27.68 -15.11
C SER B 12 7.85 -26.85 -16.36
N PRO B 13 7.95 -27.45 -17.54
CA PRO B 13 7.81 -26.65 -18.76
C PRO B 13 6.38 -26.19 -19.00
N GLY B 14 6.27 -25.03 -19.65
CA GLY B 14 5.03 -24.61 -20.26
C GLY B 14 4.92 -25.15 -21.68
N ASP B 15 3.87 -24.69 -22.38
CA ASP B 15 3.69 -25.18 -23.75
C ASP B 15 4.68 -24.58 -24.73
N GLY B 16 5.47 -23.58 -24.31
CA GLY B 16 6.49 -23.00 -25.17
C GLY B 16 5.95 -22.20 -26.34
N ARG B 17 4.67 -21.89 -26.34
CA ARG B 17 4.04 -21.21 -27.48
C ARG B 17 3.16 -20.05 -27.03
N THR B 18 2.50 -20.20 -25.89
CA THR B 18 1.48 -19.26 -25.42
C THR B 18 2.08 -18.38 -24.33
N PHE B 19 2.54 -17.20 -24.71
CA PHE B 19 3.15 -16.22 -23.84
C PHE B 19 2.21 -15.06 -23.58
N PRO B 20 2.37 -14.35 -22.47
CA PRO B 20 1.53 -13.16 -22.24
C PRO B 20 1.71 -12.14 -23.35
N LYS B 21 0.58 -11.61 -23.82
CA LYS B 21 0.53 -10.61 -24.87
C LYS B 21 -0.22 -9.37 -24.37
N ARG B 22 -0.06 -8.27 -25.10
CA ARG B 22 -0.66 -7.00 -24.69
C ARG B 22 -2.16 -7.15 -24.49
N GLY B 23 -2.64 -6.65 -23.34
CA GLY B 23 -4.04 -6.69 -23.02
C GLY B 23 -4.49 -7.93 -22.27
N GLN B 24 -3.61 -8.90 -22.08
CA GLN B 24 -3.99 -10.12 -21.38
C GLN B 24 -3.67 -10.02 -19.91
N THR B 25 -4.41 -10.79 -19.12
CA THR B 25 -4.20 -10.87 -17.69
C THR B 25 -3.54 -12.21 -17.37
N CYS B 26 -2.43 -12.17 -16.64
CA CYS B 26 -1.76 -13.38 -16.21
C CYS B 26 -2.43 -13.87 -14.94
N VAL B 27 -2.69 -15.17 -14.85
CA VAL B 27 -3.27 -15.77 -13.65
C VAL B 27 -2.24 -16.77 -13.13
N VAL B 28 -1.75 -16.56 -11.90
CA VAL B 28 -0.64 -17.35 -11.39
C VAL B 28 -0.89 -17.82 -9.97
N HIS B 29 -0.16 -18.86 -9.58
CA HIS B 29 0.10 -19.15 -8.19
C HIS B 29 1.58 -18.91 -7.93
N TYR B 30 1.91 -18.50 -6.70
CA TYR B 30 3.31 -18.26 -6.38
C TYR B 30 3.58 -18.59 -4.93
N THR B 31 4.85 -18.84 -4.64
CA THR B 31 5.38 -18.87 -3.30
C THR B 31 6.65 -18.03 -3.32
N GLY B 32 6.78 -17.08 -2.39
CA GLY B 32 7.95 -16.24 -2.28
C GLY B 32 8.80 -16.67 -1.08
N MET B 33 10.11 -16.76 -1.31
CA MET B 33 11.05 -17.13 -0.28
C MET B 33 12.22 -16.14 -0.25
N LEU B 34 12.84 -16.01 0.92
CA LEU B 34 14.12 -15.32 1.01
C LEU B 34 15.24 -16.26 0.59
N GLU B 35 16.45 -15.71 0.46
CA GLU B 35 17.60 -16.51 0.05
C GLU B 35 17.80 -17.72 0.96
N ASP B 36 17.53 -17.56 2.26
CA ASP B 36 17.66 -18.67 3.20
C ASP B 36 16.61 -19.74 2.97
N GLY B 37 15.71 -19.57 2.01
CA GLY B 37 14.69 -20.55 1.72
C GLY B 37 13.40 -20.38 2.51
N LYS B 38 13.39 -19.47 3.47
CA LYS B 38 12.21 -19.29 4.30
C LYS B 38 11.10 -18.57 3.54
N LYS B 39 9.91 -19.15 3.56
CA LYS B 39 8.76 -18.60 2.87
C LYS B 39 8.25 -17.34 3.58
N PHE B 40 7.92 -16.31 2.80
CA PHE B 40 7.26 -15.13 3.34
C PHE B 40 5.86 -14.89 2.80
N ASP B 41 5.44 -15.58 1.75
CA ASP B 41 4.09 -15.42 1.22
C ASP B 41 3.84 -16.53 0.23
N SER B 42 2.57 -16.91 0.09
CA SER B 42 2.21 -17.88 -0.95
C SER B 42 0.74 -17.74 -1.26
N SER B 43 0.41 -17.66 -2.54
CA SER B 43 -0.99 -17.66 -2.93
C SER B 43 -1.64 -19.02 -2.69
N ARG B 44 -0.81 -20.08 -2.58
CA ARG B 44 -1.36 -21.41 -2.37
CA ARG B 44 -1.37 -21.41 -2.38
C ARG B 44 -1.85 -21.59 -0.94
N ASP B 45 -1.31 -20.81 0.00
CA ASP B 45 -1.77 -20.89 1.39
C ASP B 45 -3.21 -20.40 1.51
N ARG B 46 -3.56 -19.31 0.82
CA ARG B 46 -4.93 -18.83 0.79
C ARG B 46 -5.72 -19.37 -0.39
N ASN B 47 -5.14 -20.25 -1.19
CA ASN B 47 -5.77 -20.84 -2.37
C ASN B 47 -6.51 -19.78 -3.19
N LYS B 48 -5.74 -18.79 -3.61
CA LYS B 48 -6.28 -17.63 -4.32
C LYS B 48 -5.28 -17.23 -5.39
N PRO B 49 -5.52 -17.61 -6.65
CA PRO B 49 -4.63 -17.17 -7.72
C PRO B 49 -4.52 -15.65 -7.76
N PHE B 50 -3.34 -15.18 -8.13
CA PHE B 50 -3.05 -13.76 -8.23
C PHE B 50 -3.12 -13.37 -9.71
N LYS B 51 -3.85 -12.29 -10.00
CA LYS B 51 -4.05 -11.84 -11.37
C LYS B 51 -3.39 -10.48 -11.55
N PHE B 52 -2.69 -10.30 -12.67
CA PHE B 52 -2.06 -9.01 -12.95
C PHE B 52 -1.85 -8.86 -14.45
N MET B 53 -1.63 -7.62 -14.87
CA MET B 53 -1.29 -7.29 -16.25
C MET B 53 0.13 -6.74 -16.30
N LEU B 54 0.80 -7.00 -17.42
CA LEU B 54 2.11 -6.42 -17.66
C LEU B 54 1.98 -5.01 -18.21
N GLY B 55 3.05 -4.22 -18.04
CA GLY B 55 3.10 -2.88 -18.58
C GLY B 55 2.43 -1.79 -17.77
N LYS B 56 2.03 -2.06 -16.53
CA LYS B 56 1.30 -1.07 -15.74
C LYS B 56 1.86 -0.89 -14.34
N GLN B 57 3.11 -1.29 -14.10
CA GLN B 57 3.69 -1.24 -12.75
C GLN B 57 2.80 -1.95 -11.72
N GLU B 58 2.19 -3.06 -12.11
CA GLU B 58 1.35 -3.82 -11.19
C GLU B 58 2.14 -4.81 -10.34
N VAL B 59 3.40 -5.05 -10.68
CA VAL B 59 4.25 -6.00 -9.97
C VAL B 59 5.67 -5.46 -9.96
N ILE B 60 6.50 -6.01 -9.06
CA ILE B 60 7.92 -5.65 -9.06
C ILE B 60 8.54 -6.01 -10.41
N ARG B 61 9.62 -5.30 -10.74
CA ARG B 61 10.22 -5.42 -12.07
C ARG B 61 10.68 -6.84 -12.37
N GLY B 62 11.19 -7.55 -11.36
CA GLY B 62 11.59 -8.93 -11.57
C GLY B 62 10.46 -9.80 -12.10
N TRP B 63 9.23 -9.54 -11.63
CA TRP B 63 8.08 -10.28 -12.16
C TRP B 63 7.71 -9.78 -13.55
N GLU B 64 7.74 -8.46 -13.75
CA GLU B 64 7.45 -7.86 -15.04
C GLU B 64 8.29 -8.50 -16.13
N GLU B 65 9.60 -8.63 -15.90
CA GLU B 65 10.49 -9.17 -16.91
C GLU B 65 10.55 -10.69 -16.88
N GLY B 66 10.29 -11.34 -15.74
CA GLY B 66 10.36 -12.78 -15.66
C GLY B 66 9.11 -13.50 -16.15
N VAL B 67 7.94 -13.08 -15.66
CA VAL B 67 6.72 -13.76 -16.08
C VAL B 67 6.46 -13.50 -17.57
N ALA B 68 6.92 -12.37 -18.10
CA ALA B 68 6.75 -12.14 -19.54
C ALA B 68 7.42 -13.21 -20.38
N GLN B 69 8.40 -13.92 -19.82
CA GLN B 69 9.14 -14.97 -20.51
C GLN B 69 8.53 -16.35 -20.36
N MET B 70 7.49 -16.49 -19.55
CA MET B 70 6.90 -17.78 -19.25
C MET B 70 5.75 -18.08 -20.20
N SER B 71 5.54 -19.37 -20.45
CA SER B 71 4.38 -19.79 -21.23
C SER B 71 3.38 -20.53 -20.34
N VAL B 72 2.14 -20.63 -20.83
CA VAL B 72 1.06 -21.25 -20.05
C VAL B 72 1.45 -22.66 -19.62
N GLY B 73 1.21 -22.98 -18.35
CA GLY B 73 1.56 -24.27 -17.78
C GLY B 73 2.92 -24.34 -17.16
N GLN B 74 3.76 -23.32 -17.38
CA GLN B 74 5.11 -23.33 -16.87
C GLN B 74 5.12 -23.05 -15.38
N ARG B 75 6.04 -23.71 -14.68
CA ARG B 75 6.38 -23.39 -13.31
C ARG B 75 7.86 -23.03 -13.31
N ALA B 76 8.20 -21.88 -12.75
CA ALA B 76 9.58 -21.42 -12.82
C ALA B 76 9.99 -20.84 -11.48
N LYS B 77 11.29 -20.92 -11.22
CA LYS B 77 11.92 -20.25 -10.09
C LYS B 77 12.51 -18.94 -10.61
N LEU B 78 12.03 -17.82 -10.07
CA LEU B 78 12.55 -16.49 -10.42
C LEU B 78 13.43 -16.02 -9.27
N THR B 79 14.71 -15.80 -9.55
CA THR B 79 15.62 -15.24 -8.56
C THR B 79 15.82 -13.77 -8.90
N ILE B 80 15.48 -12.89 -7.96
CA ILE B 80 15.29 -11.47 -8.25
C ILE B 80 16.20 -10.66 -7.33
N SER B 81 17.06 -9.83 -7.93
CA SER B 81 17.95 -8.99 -7.15
C SER B 81 17.16 -7.84 -6.51
N PRO B 82 17.69 -7.24 -5.46
CA PRO B 82 16.95 -6.14 -4.81
C PRO B 82 16.55 -5.01 -5.76
N ASP B 83 17.39 -4.65 -6.74
CA ASP B 83 17.02 -3.58 -7.68
C ASP B 83 15.70 -3.90 -8.39
N TYR B 84 15.43 -5.17 -8.63
CA TYR B 84 14.23 -5.62 -9.33
C TYR B 84 13.13 -6.03 -8.35
N ALA B 85 13.33 -5.81 -7.04
CA ALA B 85 12.34 -6.09 -6.02
C ALA B 85 12.24 -4.88 -5.08
N TYR B 86 12.50 -5.06 -3.78
CA TYR B 86 12.23 -3.97 -2.83
C TYR B 86 13.49 -3.25 -2.37
N GLY B 87 14.62 -3.47 -3.07
CA GLY B 87 15.80 -2.63 -2.90
C GLY B 87 16.29 -2.56 -1.46
N ALA B 88 16.83 -1.40 -1.10
CA ALA B 88 17.37 -1.16 0.23
C ALA B 88 16.30 -1.06 1.31
N THR B 89 15.04 -0.89 0.93
CA THR B 89 14.00 -0.66 1.92
C THR B 89 13.39 -1.96 2.42
N GLY B 90 13.16 -2.92 1.53
CA GLY B 90 12.37 -4.08 1.88
C GLY B 90 10.88 -3.75 1.85
N HIS B 91 10.09 -4.63 2.45
CA HIS B 91 8.65 -4.43 2.56
C HIS B 91 8.30 -4.60 4.04
N PRO B 92 7.65 -3.62 4.66
CA PRO B 92 7.54 -3.60 6.13
C PRO B 92 6.95 -4.90 6.66
N GLY B 93 7.62 -5.47 7.66
CA GLY B 93 7.16 -6.66 8.33
C GLY B 93 7.21 -7.94 7.53
N ILE B 94 7.70 -7.90 6.29
CA ILE B 94 7.65 -9.11 5.46
C ILE B 94 9.01 -9.41 4.83
N ILE B 95 9.62 -8.38 4.23
N ILE B 95 9.64 -8.39 4.24
CA ILE B 95 10.86 -8.52 3.47
CA ILE B 95 10.87 -8.57 3.48
C ILE B 95 11.91 -7.63 4.12
C ILE B 95 11.95 -7.63 4.01
N PRO B 96 13.10 -8.13 4.42
CA PRO B 96 14.15 -7.26 5.00
C PRO B 96 14.80 -6.40 3.94
N PRO B 97 15.54 -5.37 4.37
CA PRO B 97 16.33 -4.57 3.41
C PRO B 97 17.30 -5.43 2.61
N HIS B 98 17.53 -4.99 1.37
CA HIS B 98 18.58 -5.54 0.50
C HIS B 98 18.39 -7.03 0.24
N ALA B 99 17.14 -7.47 0.05
CA ALA B 99 16.80 -8.89 0.00
C ALA B 99 16.70 -9.38 -1.43
N THR B 100 17.53 -10.36 -1.76
CA THR B 100 17.34 -11.14 -2.99
C THR B 100 16.20 -12.14 -2.75
N LEU B 101 15.24 -12.17 -3.68
CA LEU B 101 14.04 -12.99 -3.50
C LEU B 101 14.03 -14.16 -4.47
N VAL B 102 13.42 -15.25 -4.03
CA VAL B 102 13.17 -16.41 -4.89
C VAL B 102 11.67 -16.69 -4.90
N PHE B 103 11.05 -16.60 -6.08
CA PHE B 103 9.64 -16.91 -6.25
C PHE B 103 9.49 -18.19 -7.09
N ASP B 104 8.67 -19.10 -6.62
CA ASP B 104 8.21 -20.20 -7.44
C ASP B 104 6.87 -19.76 -8.04
N VAL B 105 6.82 -19.62 -9.37
CA VAL B 105 5.65 -19.04 -10.02
C VAL B 105 5.12 -20.04 -11.03
N GLU B 106 3.81 -20.25 -11.03
CA GLU B 106 3.16 -21.10 -12.02
C GLU B 106 2.17 -20.25 -12.82
N LEU B 107 2.33 -20.22 -14.14
CA LEU B 107 1.37 -19.51 -14.98
C LEU B 107 0.20 -20.45 -15.28
N LEU B 108 -0.94 -20.20 -14.65
CA LEU B 108 -2.07 -21.11 -14.79
C LEU B 108 -2.78 -20.91 -16.11
N LYS B 109 -2.95 -19.66 -16.51
CA LYS B 109 -3.70 -19.34 -17.72
C LYS B 109 -3.56 -17.86 -18.00
N LEU B 110 -4.01 -17.49 -19.20
CA LEU B 110 -4.14 -16.10 -19.59
C LEU B 110 -5.61 -15.78 -19.79
N GLU B 111 -6.01 -14.60 -19.39
CA GLU B 111 -7.38 -14.12 -19.57
C GLU B 111 -7.38 -12.84 -20.38
N MET C 4 -19.46 0.14 18.06
CA MET C 4 -18.14 -0.41 18.34
C MET C 4 -17.45 -0.88 17.06
N GLY C 5 -18.05 -1.84 16.34
CA GLY C 5 -17.49 -2.31 15.08
C GLY C 5 -16.67 -3.60 15.19
N VAL C 6 -16.35 -4.05 16.39
CA VAL C 6 -15.69 -5.33 16.58
C VAL C 6 -16.37 -6.03 17.75
N GLN C 7 -16.55 -7.33 17.62
CA GLN C 7 -17.02 -8.18 18.71
C GLN C 7 -15.91 -9.15 19.08
N VAL C 8 -15.55 -9.18 20.37
CA VAL C 8 -14.42 -9.95 20.87
C VAL C 8 -14.97 -11.17 21.61
N GLU C 9 -14.63 -12.36 21.11
CA GLU C 9 -14.95 -13.61 21.79
C GLU C 9 -13.66 -14.19 22.34
N THR C 10 -13.55 -14.30 23.67
CA THR C 10 -12.33 -14.83 24.26
C THR C 10 -12.31 -16.34 24.15
N ILE C 11 -11.22 -16.87 23.62
CA ILE C 11 -11.06 -18.32 23.54
C ILE C 11 -10.27 -18.85 24.72
N SER C 12 -9.10 -18.26 24.97
CA SER C 12 -8.40 -18.51 26.22
C SER C 12 -7.92 -17.19 26.82
N PRO C 13 -7.92 -17.06 28.13
CA PRO C 13 -7.68 -15.77 28.76
C PRO C 13 -6.21 -15.36 28.76
N GLY C 14 -6.02 -14.05 28.83
CA GLY C 14 -4.74 -13.47 29.18
C GLY C 14 -4.66 -13.31 30.68
N ASP C 15 -3.75 -12.46 31.12
CA ASP C 15 -3.65 -12.21 32.56
C ASP C 15 -4.69 -11.20 33.05
N GLY C 16 -5.50 -10.66 32.15
CA GLY C 16 -6.55 -9.72 32.51
C GLY C 16 -6.07 -8.44 33.14
N ARG C 17 -4.77 -8.15 33.10
CA ARG C 17 -4.17 -7.01 33.78
C ARG C 17 -3.29 -6.18 32.88
N THR C 18 -2.54 -6.82 31.97
CA THR C 18 -1.52 -6.18 31.15
C THR C 18 -2.09 -5.94 29.76
N PHE C 19 -2.50 -4.71 29.50
CA PHE C 19 -3.11 -4.31 28.25
C PHE C 19 -2.18 -3.39 27.47
N PRO C 20 -2.35 -3.30 26.15
CA PRO C 20 -1.55 -2.34 25.38
C PRO C 20 -1.73 -0.92 25.91
N LYS C 21 -0.60 -0.23 26.06
CA LYS C 21 -0.56 1.15 26.57
C LYS C 21 0.15 2.03 25.55
N ARG C 22 -0.04 3.35 25.68
CA ARG C 22 0.52 4.29 24.74
C ARG C 22 2.03 4.14 24.63
N GLY C 23 2.52 4.11 23.39
CA GLY C 23 3.95 3.97 23.14
C GLY C 23 4.42 2.54 23.00
N GLN C 24 3.58 1.56 23.31
CA GLN C 24 3.99 0.16 23.26
C GLN C 24 3.73 -0.43 21.89
N THR C 25 4.54 -1.43 21.54
CA THR C 25 4.37 -2.22 20.32
C THR C 25 3.73 -3.56 20.70
N CYS C 26 2.60 -3.86 20.07
CA CYS C 26 1.91 -5.14 20.26
C CYS C 26 2.56 -6.19 19.38
N VAL C 27 2.79 -7.38 19.92
CA VAL C 27 3.33 -8.49 19.14
C VAL C 27 2.28 -9.59 19.14
N VAL C 28 1.82 -9.99 17.95
CA VAL C 28 0.74 -10.97 17.85
C VAL C 28 1.03 -12.05 16.82
N HIS C 29 0.29 -13.15 16.93
CA HIS C 29 0.05 -14.03 15.80
C HIS C 29 -1.43 -13.98 15.45
N TYR C 30 -1.75 -14.10 14.16
CA TYR C 30 -3.14 -14.01 13.74
C TYR C 30 -3.40 -14.91 12.55
N THR C 31 -4.67 -15.27 12.41
CA THR C 31 -5.21 -15.85 11.19
C THR C 31 -6.49 -15.10 10.84
N GLY C 32 -6.57 -14.61 9.61
CA GLY C 32 -7.75 -13.91 9.12
C GLY C 32 -8.56 -14.79 8.19
N MET C 33 -9.87 -14.86 8.44
CA MET C 33 -10.81 -15.66 7.66
C MET C 33 -12.03 -14.84 7.26
N LEU C 34 -12.66 -15.24 6.16
CA LEU C 34 -13.94 -14.66 5.79
C LEU C 34 -15.07 -15.38 6.53
N GLU C 35 -16.30 -14.92 6.31
CA GLU C 35 -17.46 -15.48 7.01
C GLU C 35 -17.73 -16.93 6.63
N ASP C 36 -17.22 -17.40 5.50
CA ASP C 36 -17.33 -18.82 5.16
C ASP C 36 -16.19 -19.65 5.75
N GLY C 37 -15.32 -19.06 6.57
CA GLY C 37 -14.23 -19.78 7.17
C GLY C 37 -12.98 -19.92 6.33
N LYS C 38 -12.96 -19.39 5.11
CA LYS C 38 -11.78 -19.48 4.27
C LYS C 38 -10.71 -18.50 4.75
N LYS C 39 -9.48 -18.99 4.86
CA LYS C 39 -8.36 -18.15 5.28
C LYS C 39 -7.97 -17.20 4.15
N PHE C 40 -7.70 -15.93 4.49
CA PHE C 40 -7.02 -15.06 3.54
C PHE C 40 -5.61 -14.66 3.95
N ASP C 41 -5.22 -14.81 5.21
CA ASP C 41 -3.86 -14.46 5.62
C ASP C 41 -3.58 -15.08 6.98
N SER C 42 -2.30 -15.35 7.26
CA SER C 42 -1.90 -15.78 8.60
C SER C 42 -0.43 -15.42 8.84
N SER C 43 -0.15 -14.81 10.00
CA SER C 43 1.24 -14.61 10.40
C SER C 43 1.93 -15.93 10.65
N ARG C 44 1.18 -16.99 10.99
CA ARG C 44 1.81 -18.28 11.29
C ARG C 44 2.32 -18.97 10.03
N ASP C 45 1.70 -18.70 8.88
CA ASP C 45 2.18 -19.27 7.64
C ASP C 45 3.55 -18.71 7.26
N ARG C 46 3.83 -17.45 7.62
CA ARG C 46 5.12 -16.81 7.42
C ARG C 46 6.09 -17.07 8.55
N ASN C 47 5.67 -17.76 9.60
CA ASN C 47 6.47 -17.92 10.82
C ASN C 47 7.05 -16.57 11.26
N LYS C 48 6.18 -15.58 11.34
CA LYS C 48 6.64 -14.23 11.63
C LYS C 48 5.59 -13.49 12.45
N PRO C 49 5.81 -13.29 13.75
CA PRO C 49 4.88 -12.48 14.53
C PRO C 49 4.71 -11.10 13.92
N PHE C 50 3.48 -10.59 14.01
CA PHE C 50 3.16 -9.27 13.47
C PHE C 50 3.27 -8.24 14.58
N LYS C 51 4.00 -7.16 14.31
CA LYS C 51 4.20 -6.08 15.28
C LYS C 51 3.53 -4.80 14.80
N PHE C 52 2.88 -4.09 15.72
CA PHE C 52 2.22 -2.85 15.34
C PHE C 52 1.99 -1.99 16.59
N MET C 53 1.74 -0.71 16.35
CA MET C 53 1.42 0.21 17.43
C MET C 53 -0.02 0.69 17.29
N LEU C 54 -0.68 0.88 18.41
CA LEU C 54 -2.02 1.44 18.43
C LEU C 54 -1.97 2.96 18.38
N GLY C 55 -3.04 3.57 17.87
CA GLY C 55 -3.16 5.01 17.87
C GLY C 55 -2.46 5.74 16.73
N LYS C 56 -2.09 5.04 15.65
CA LYS C 56 -1.40 5.70 14.54
C LYS C 56 -1.94 5.32 13.17
N GLN C 57 -3.16 4.81 13.07
CA GLN C 57 -3.70 4.29 11.80
C GLN C 57 -2.76 3.25 11.17
N GLU C 58 -2.18 2.41 12.02
CA GLU C 58 -1.31 1.33 11.55
C GLU C 58 -2.08 0.06 11.19
N VAL C 59 -3.37 -0.02 11.54
CA VAL C 59 -4.18 -1.21 11.30
C VAL C 59 -5.63 -0.79 11.13
N ILE C 60 -6.44 -1.68 10.55
CA ILE C 60 -7.87 -1.39 10.43
C ILE C 60 -8.46 -1.14 11.81
N ARG C 61 -9.45 -0.26 11.86
CA ARG C 61 -9.96 0.19 13.15
C ARG C 61 -10.56 -0.94 13.97
N GLY C 62 -11.15 -1.95 13.34
CA GLY C 62 -11.65 -3.09 14.08
C GLY C 62 -10.56 -3.81 14.86
N TRP C 63 -9.37 -3.90 14.29
CA TRP C 63 -8.22 -4.41 15.04
C TRP C 63 -7.83 -3.46 16.15
N GLU C 64 -7.73 -2.17 15.82
CA GLU C 64 -7.33 -1.17 16.81
C GLU C 64 -8.20 -1.28 18.05
N GLU C 65 -9.51 -1.47 17.85
CA GLU C 65 -10.41 -1.52 19.00
C GLU C 65 -10.44 -2.88 19.68
N GLY C 66 -10.22 -3.94 18.92
CA GLY C 66 -10.26 -5.27 19.49
C GLY C 66 -9.02 -5.62 20.29
N VAL C 67 -7.85 -5.37 19.69
CA VAL C 67 -6.61 -5.76 20.38
C VAL C 67 -6.38 -4.88 21.59
N ALA C 68 -6.88 -3.65 21.58
CA ALA C 68 -6.74 -2.78 22.74
C ALA C 68 -7.43 -3.37 23.97
N GLN C 69 -8.41 -4.25 23.76
CA GLN C 69 -9.14 -4.91 24.84
C GLN C 69 -8.50 -6.22 25.29
N MET C 70 -7.43 -6.66 24.65
CA MET C 70 -6.80 -7.93 24.98
C MET C 70 -5.67 -7.74 25.97
N SER C 71 -5.50 -8.72 26.85
CA SER C 71 -4.37 -8.75 27.79
C SER C 71 -3.34 -9.78 27.35
N VAL C 72 -2.10 -9.58 27.79
CA VAL C 72 -1.00 -10.41 27.32
C VAL C 72 -1.31 -11.88 27.54
N GLY C 73 -1.14 -12.69 26.49
CA GLY C 73 -1.41 -14.11 26.51
C GLY C 73 -2.77 -14.51 25.99
N GLN C 74 -3.70 -13.57 25.89
CA GLN C 74 -5.07 -13.87 25.50
C GLN C 74 -5.16 -14.32 24.04
N ARG C 75 -6.02 -15.32 23.79
CA ARG C 75 -6.41 -15.68 22.44
C ARG C 75 -7.87 -15.31 22.26
N ALA C 76 -8.18 -14.56 21.21
CA ALA C 76 -9.55 -14.12 20.99
C ALA C 76 -9.91 -14.25 19.53
N LYS C 77 -11.21 -14.26 19.26
CA LYS C 77 -11.75 -14.13 17.91
C LYS C 77 -12.34 -12.74 17.80
N LEU C 78 -11.86 -11.98 16.81
N LEU C 78 -11.84 -11.97 16.84
CA LEU C 78 -12.35 -10.63 16.56
CA LEU C 78 -12.35 -10.63 16.56
C LEU C 78 -13.23 -10.66 15.32
C LEU C 78 -13.24 -10.71 15.33
N THR C 79 -14.52 -10.42 15.48
CA THR C 79 -15.45 -10.37 14.36
C THR C 79 -15.68 -8.90 14.05
N ILE C 80 -15.29 -8.50 12.84
CA ILE C 80 -15.18 -7.09 12.45
C ILE C 80 -16.19 -6.80 11.35
N SER C 81 -17.07 -5.82 11.60
CA SER C 81 -18.05 -5.43 10.58
C SER C 81 -17.36 -4.72 9.42
N PRO C 82 -17.95 -4.75 8.23
CA PRO C 82 -17.16 -4.33 7.04
C PRO C 82 -16.58 -2.93 7.12
N ASP C 83 -17.29 -1.96 7.70
CA ASP C 83 -16.71 -0.62 7.66
C ASP C 83 -15.60 -0.42 8.66
N TYR C 84 -15.41 -1.35 9.59
CA TYR C 84 -14.23 -1.36 10.43
C TYR C 84 -13.13 -2.22 9.83
N ALA C 85 -13.33 -2.70 8.60
CA ALA C 85 -12.33 -3.41 7.82
C ALA C 85 -12.19 -2.73 6.46
N TYR C 86 -12.56 -3.41 5.35
CA TYR C 86 -12.33 -2.87 4.01
C TYR C 86 -13.61 -2.45 3.30
N GLY C 87 -14.74 -2.40 4.03
CA GLY C 87 -15.93 -1.72 3.56
C GLY C 87 -16.47 -2.29 2.26
N ALA C 88 -17.07 -1.41 1.46
CA ALA C 88 -17.66 -1.82 0.19
C ALA C 88 -16.62 -2.05 -0.89
N THR C 89 -15.37 -1.72 -0.64
CA THR C 89 -14.31 -1.87 -1.63
C THR C 89 -13.67 -3.25 -1.56
N GLY C 90 -13.39 -3.73 -0.35
CA GLY C 90 -12.61 -4.93 -0.19
C GLY C 90 -11.13 -4.59 -0.26
N HIS C 91 -10.32 -5.63 -0.35
CA HIS C 91 -8.89 -5.45 -0.55
C HIS C 91 -8.49 -6.17 -1.83
N PRO C 92 -7.83 -5.50 -2.79
CA PRO C 92 -7.69 -6.08 -4.14
C PRO C 92 -7.13 -7.48 -4.14
N GLY C 93 -7.87 -8.40 -4.76
CA GLY C 93 -7.45 -9.77 -4.93
C GLY C 93 -7.50 -10.65 -3.71
N ILE C 94 -7.93 -10.12 -2.55
CA ILE C 94 -7.81 -10.87 -1.30
C ILE C 94 -9.13 -10.90 -0.54
N ILE C 95 -9.76 -9.74 -0.40
CA ILE C 95 -11.00 -9.65 0.37
C ILE C 95 -12.08 -9.01 -0.49
N PRO C 96 -13.26 -9.61 -0.57
CA PRO C 96 -14.32 -9.09 -1.44
C PRO C 96 -15.04 -7.90 -0.80
N PRO C 97 -15.80 -7.14 -1.59
CA PRO C 97 -16.64 -6.09 -1.01
C PRO C 97 -17.57 -6.62 0.08
N HIS C 98 -17.85 -5.76 1.07
CA HIS C 98 -18.86 -5.99 2.10
C HIS C 98 -18.51 -7.16 3.03
N ALA C 99 -17.23 -7.43 3.29
CA ALA C 99 -16.85 -8.67 3.97
C ALA C 99 -16.76 -8.47 5.48
N THR C 100 -17.54 -9.25 6.23
CA THR C 100 -17.20 -9.46 7.64
C THR C 100 -15.89 -10.22 7.74
N LEU C 101 -15.00 -9.79 8.63
CA LEU C 101 -13.74 -10.49 8.84
C LEU C 101 -13.72 -11.12 10.23
N VAL C 102 -13.19 -12.33 10.32
CA VAL C 102 -12.95 -12.99 11.60
C VAL C 102 -11.44 -13.21 11.75
N PHE C 103 -10.84 -12.66 12.80
CA PHE C 103 -9.42 -12.86 13.06
C PHE C 103 -9.26 -13.65 14.35
N ASP C 104 -8.53 -14.75 14.28
CA ASP C 104 -7.99 -15.37 15.48
C ASP C 104 -6.73 -14.61 15.85
N VAL C 105 -6.66 -14.04 17.05
CA VAL C 105 -5.54 -13.21 17.44
C VAL C 105 -5.01 -13.71 18.78
N GLU C 106 -3.69 -13.90 18.86
CA GLU C 106 -3.00 -14.19 20.11
C GLU C 106 -2.08 -13.02 20.44
N LEU C 107 -2.30 -12.38 21.60
CA LEU C 107 -1.43 -11.28 22.01
C LEU C 107 -0.23 -11.90 22.73
N LEU C 108 0.90 -11.96 22.03
CA LEU C 108 2.07 -12.68 22.55
C LEU C 108 2.78 -11.89 23.63
N LYS C 109 2.96 -10.58 23.44
CA LYS C 109 3.73 -9.77 24.38
C LYS C 109 3.65 -8.33 23.90
N LEU C 110 4.09 -7.42 24.77
CA LEU C 110 4.19 -6.00 24.48
C LEU C 110 5.65 -5.60 24.57
N GLU C 111 6.09 -4.73 23.65
CA GLU C 111 7.46 -4.23 23.67
C GLU C 111 7.48 -2.72 23.79
N MET D 4 26.26 4.43 0.63
CA MET D 4 25.30 5.14 1.48
C MET D 4 23.92 5.17 0.86
N GLY D 5 23.77 5.67 -0.38
CA GLY D 5 22.50 5.68 -1.07
C GLY D 5 21.74 6.99 -1.00
N VAL D 6 22.16 7.91 -0.16
CA VAL D 6 21.57 9.25 -0.13
C VAL D 6 22.71 10.25 -0.03
N GLN D 7 22.59 11.35 -0.75
CA GLN D 7 23.48 12.49 -0.60
C GLN D 7 22.70 13.67 -0.03
N VAL D 8 23.21 14.26 1.04
CA VAL D 8 22.52 15.33 1.76
C VAL D 8 23.23 16.64 1.47
N GLU D 9 22.52 17.58 0.84
CA GLU D 9 22.99 18.93 0.63
C GLU D 9 22.22 19.85 1.56
N THR D 10 22.92 20.49 2.50
CA THR D 10 22.22 21.36 3.45
C THR D 10 21.93 22.71 2.77
N ILE D 11 20.69 23.16 2.87
CA ILE D 11 20.29 24.45 2.35
C ILE D 11 20.35 25.50 3.44
N SER D 12 19.65 25.25 4.54
CA SER D 12 19.81 26.07 5.75
C SER D 12 19.98 25.16 6.95
N PRO D 13 20.82 25.56 7.91
CA PRO D 13 21.19 24.65 9.00
C PRO D 13 20.09 24.51 10.05
N GLY D 14 20.15 23.38 10.74
CA GLY D 14 19.43 23.20 11.98
C GLY D 14 20.31 23.65 13.14
N ASP D 15 19.99 23.16 14.33
CA ASP D 15 20.83 23.52 15.47
C ASP D 15 22.09 22.66 15.57
N GLY D 16 22.27 21.71 14.66
CA GLY D 16 23.45 20.89 14.64
C GLY D 16 23.64 19.98 15.83
N ARG D 17 22.65 19.84 16.70
CA ARG D 17 22.81 19.04 17.90
C ARG D 17 21.59 18.20 18.27
N THR D 18 20.38 18.56 17.84
CA THR D 18 19.16 17.81 18.16
C THR D 18 18.78 16.95 16.97
N PHE D 19 19.13 15.67 17.02
CA PHE D 19 18.90 14.73 15.94
C PHE D 19 17.83 13.72 16.33
N PRO D 20 17.18 13.09 15.35
CA PRO D 20 16.24 12.01 15.69
C PRO D 20 16.91 10.93 16.52
N LYS D 21 16.21 10.50 17.57
CA LYS D 21 16.67 9.45 18.48
C LYS D 21 15.62 8.35 18.55
N ARG D 22 16.05 7.18 19.04
CA ARG D 22 15.17 6.02 19.09
C ARG D 22 13.90 6.35 19.86
N GLY D 23 12.76 5.96 19.31
CA GLY D 23 11.48 6.19 19.95
C GLY D 23 10.81 7.50 19.58
N GLN D 24 11.51 8.41 18.92
CA GLN D 24 10.94 9.70 18.57
C GLN D 24 10.24 9.64 17.22
N THR D 25 9.25 10.51 17.07
CA THR D 25 8.55 10.73 15.81
C THR D 25 9.08 11.99 15.15
N CYS D 26 9.53 11.88 13.90
CA CYS D 26 10.02 13.02 13.12
C CYS D 26 8.83 13.72 12.49
N VAL D 27 8.83 15.05 12.51
CA VAL D 27 7.77 15.83 11.88
C VAL D 27 8.43 16.68 10.82
N VAL D 28 8.03 16.52 9.56
CA VAL D 28 8.68 17.23 8.46
C VAL D 28 7.67 17.81 7.48
N HIS D 29 8.15 18.74 6.66
CA HIS D 29 7.52 19.07 5.40
C HIS D 29 8.47 18.69 4.28
N TYR D 30 7.92 18.24 3.16
CA TYR D 30 8.78 17.80 2.07
C TYR D 30 8.15 18.11 0.73
N THR D 31 9.02 18.22 -0.28
CA THR D 31 8.63 18.17 -1.68
C THR D 31 9.52 17.17 -2.40
N GLY D 32 8.91 16.24 -3.12
CA GLY D 32 9.64 15.22 -3.87
C GLY D 32 9.58 15.54 -5.36
N MET D 33 10.75 15.50 -6.00
CA MET D 33 10.90 15.79 -7.43
C MET D 33 11.73 14.71 -8.12
N LEU D 34 11.49 14.54 -9.41
CA LEU D 34 12.35 13.71 -10.24
C LEU D 34 13.58 14.51 -10.68
N GLU D 35 14.48 13.82 -11.40
CA GLU D 35 15.72 14.45 -11.84
C GLU D 35 15.49 15.56 -12.86
N ASP D 36 14.33 15.62 -13.51
CA ASP D 36 14.00 16.75 -14.36
C ASP D 36 13.36 17.90 -13.59
N GLY D 37 13.30 17.81 -12.26
CA GLY D 37 12.71 18.85 -11.45
C GLY D 37 11.21 18.82 -11.34
N LYS D 38 10.53 17.88 -11.98
CA LYS D 38 9.08 17.81 -11.90
C LYS D 38 8.65 17.24 -10.55
N LYS D 39 7.70 17.91 -9.89
CA LYS D 39 7.21 17.47 -8.60
C LYS D 39 6.33 16.23 -8.75
N PHE D 40 6.48 15.26 -7.84
CA PHE D 40 5.51 14.18 -7.76
C PHE D 40 4.70 14.16 -6.48
N ASP D 41 5.13 14.85 -5.42
CA ASP D 41 4.35 14.88 -4.18
C ASP D 41 4.88 16.03 -3.31
N SER D 42 4.01 16.56 -2.44
CA SER D 42 4.46 17.52 -1.45
C SER D 42 3.51 17.51 -0.25
N SER D 43 4.10 17.47 0.96
CA SER D 43 3.26 17.63 2.15
C SER D 43 2.68 19.04 2.22
N ARG D 44 3.33 20.02 1.58
CA ARG D 44 2.84 21.39 1.67
C ARG D 44 1.57 21.58 0.84
N ASP D 45 1.41 20.80 -0.23
CA ASP D 45 0.19 20.91 -1.02
C ASP D 45 -1.04 20.43 -0.26
N ARG D 46 -0.87 19.46 0.65
CA ARG D 46 -1.92 18.99 1.56
C ARG D 46 -2.02 19.80 2.85
N ASN D 47 -1.14 20.78 3.04
CA ASN D 47 -1.05 21.52 4.31
C ASN D 47 -1.06 20.57 5.51
N LYS D 48 -0.23 19.54 5.43
CA LYS D 48 -0.18 18.57 6.52
C LYS D 48 1.23 18.06 6.70
N PRO D 49 1.90 18.42 7.79
CA PRO D 49 3.22 17.85 8.06
C PRO D 49 3.16 16.34 8.08
N PHE D 50 4.24 15.72 7.62
CA PHE D 50 4.35 14.28 7.56
C PHE D 50 5.10 13.77 8.79
N LYS D 51 4.51 12.79 9.49
CA LYS D 51 5.10 12.23 10.70
C LYS D 51 5.50 10.78 10.46
N PHE D 52 6.67 10.39 10.97
CA PHE D 52 7.13 9.02 10.81
C PHE D 52 8.19 8.71 11.87
N MET D 53 8.43 7.42 12.08
CA MET D 53 9.48 6.98 12.97
C MET D 53 10.57 6.27 12.19
N LEU D 54 11.81 6.46 12.65
CA LEU D 54 12.94 5.76 12.05
C LEU D 54 13.07 4.37 12.65
N GLY D 55 13.70 3.47 11.89
CA GLY D 55 13.99 2.14 12.39
C GLY D 55 12.87 1.12 12.31
N LYS D 56 11.82 1.39 11.53
CA LYS D 56 10.69 0.46 11.46
C LYS D 56 10.21 0.20 10.02
N GLN D 57 11.04 0.42 9.01
CA GLN D 57 10.63 0.33 7.60
C GLN D 57 9.39 1.16 7.30
N GLU D 58 9.29 2.32 7.95
CA GLU D 58 8.19 3.24 7.70
C GLU D 58 8.40 4.14 6.48
N VAL D 59 9.62 4.17 5.92
CA VAL D 59 9.94 5.05 4.82
C VAL D 59 11.03 4.40 3.98
N ILE D 60 11.19 4.89 2.74
CA ILE D 60 12.27 4.36 1.89
C ILE D 60 13.62 4.59 2.57
N ARG D 61 14.55 3.66 2.33
CA ARG D 61 15.82 3.68 3.04
C ARG D 61 16.58 4.98 2.83
N GLY D 62 16.53 5.57 1.63
CA GLY D 62 17.20 6.84 1.42
C GLY D 62 16.73 7.92 2.38
N TRP D 63 15.42 7.95 2.66
CA TRP D 63 14.91 8.88 3.66
C TRP D 63 15.41 8.52 5.05
N GLU D 64 15.31 7.24 5.42
CA GLU D 64 15.76 6.79 6.71
C GLU D 64 17.19 7.26 6.98
N GLU D 65 18.07 7.12 5.99
CA GLU D 65 19.46 7.48 6.21
C GLU D 65 19.68 8.99 6.14
N GLY D 66 18.89 9.70 5.33
CA GLY D 66 19.09 11.11 5.18
C GLY D 66 18.53 11.91 6.34
N VAL D 67 17.29 11.62 6.73
CA VAL D 67 16.69 12.42 7.79
C VAL D 67 17.37 12.13 9.12
N ALA D 68 17.93 10.92 9.30
CA ALA D 68 18.65 10.63 10.53
C ALA D 68 19.83 11.55 10.72
N GLN D 69 20.36 12.13 9.64
CA GLN D 69 21.49 13.05 9.71
C GLN D 69 21.08 14.50 9.89
N MET D 70 19.78 14.79 9.93
CA MET D 70 19.32 16.17 10.02
C MET D 70 19.04 16.55 11.46
N SER D 71 19.32 17.81 11.77
CA SER D 71 18.99 18.39 13.07
C SER D 71 17.79 19.31 12.99
N VAL D 72 17.12 19.47 14.12
CA VAL D 72 15.85 20.21 14.16
C VAL D 72 16.04 21.60 13.55
N GLY D 73 15.15 21.95 12.62
CA GLY D 73 15.18 23.20 11.90
C GLY D 73 15.84 23.13 10.53
N GLN D 74 16.64 22.11 10.29
CA GLN D 74 17.44 22.01 9.08
C GLN D 74 16.57 21.84 7.84
N ARG D 75 16.95 22.53 6.76
CA ARG D 75 16.39 22.27 5.44
C ARG D 75 17.48 21.68 4.57
N ALA D 76 17.19 20.55 3.95
CA ALA D 76 18.19 19.85 3.15
C ALA D 76 17.55 19.33 1.88
N LYS D 77 18.40 19.07 0.89
CA LYS D 77 18.02 18.34 -0.31
C LYS D 77 18.62 16.95 -0.20
N LEU D 78 17.76 15.93 -0.28
N LEU D 78 17.76 15.93 -0.25
CA LEU D 78 18.18 14.54 -0.23
CA LEU D 78 18.18 14.54 -0.23
C LEU D 78 18.11 13.95 -1.63
C LEU D 78 18.12 13.99 -1.65
N THR D 79 19.26 13.60 -2.19
CA THR D 79 19.32 13.00 -3.51
C THR D 79 19.53 11.51 -3.30
N ILE D 80 18.54 10.72 -3.73
CA ILE D 80 18.43 9.30 -3.38
C ILE D 80 18.60 8.46 -4.64
N SER D 81 19.55 7.54 -4.59
CA SER D 81 19.78 6.63 -5.74
C SER D 81 18.61 5.64 -5.85
N PRO D 82 18.34 5.13 -7.04
CA PRO D 82 17.08 4.40 -7.23
C PRO D 82 16.87 3.23 -6.27
N ASP D 83 17.91 2.47 -5.93
CA ASP D 83 17.64 1.32 -5.09
C ASP D 83 17.41 1.70 -3.64
N TYR D 84 17.68 2.94 -3.25
CA TYR D 84 17.27 3.45 -1.96
C TYR D 84 15.93 4.15 -2.04
N ALA D 85 15.26 4.05 -3.20
CA ALA D 85 13.90 4.53 -3.41
C ALA D 85 13.07 3.39 -4.00
N TYR D 86 12.58 3.52 -5.24
CA TYR D 86 11.67 2.54 -5.82
C TYR D 86 12.31 1.69 -6.93
N GLY D 87 13.63 1.79 -7.10
CA GLY D 87 14.39 0.83 -7.87
C GLY D 87 13.95 0.76 -9.33
N ALA D 88 14.07 -0.45 -9.89
CA ALA D 88 13.71 -0.67 -11.29
C ALA D 88 12.21 -0.76 -11.51
N THR D 89 11.41 -0.80 -10.43
CA THR D 89 9.96 -0.88 -10.53
C THR D 89 9.32 0.49 -10.65
N GLY D 90 9.77 1.44 -9.83
CA GLY D 90 9.09 2.71 -9.69
C GLY D 90 7.91 2.57 -8.75
N HIS D 91 7.08 3.61 -8.71
CA HIS D 91 5.85 3.58 -7.92
C HIS D 91 4.69 3.78 -8.88
N PRO D 92 3.68 2.89 -8.87
CA PRO D 92 2.69 2.88 -9.95
C PRO D 92 2.06 4.25 -10.17
N GLY D 93 2.13 4.72 -11.40
CA GLY D 93 1.51 5.96 -11.83
C GLY D 93 2.15 7.23 -11.32
N ILE D 94 3.25 7.16 -10.57
CA ILE D 94 3.79 8.34 -9.91
C ILE D 94 5.28 8.50 -10.19
N ILE D 95 6.03 7.41 -10.05
CA ILE D 95 7.48 7.44 -10.22
C ILE D 95 7.90 6.38 -11.23
N PRO D 96 8.68 6.74 -12.24
CA PRO D 96 9.05 5.76 -13.26
C PRO D 96 10.16 4.84 -12.77
N PRO D 97 10.40 3.75 -13.49
CA PRO D 97 11.55 2.89 -13.18
C PRO D 97 12.87 3.66 -13.20
N HIS D 98 13.80 3.22 -12.35
CA HIS D 98 15.19 3.70 -12.35
C HIS D 98 15.32 5.16 -11.95
N ALA D 99 14.44 5.69 -11.09
CA ALA D 99 14.39 7.13 -10.88
C ALA D 99 15.25 7.57 -9.69
N THR D 100 16.23 8.44 -9.94
CA THR D 100 16.78 9.25 -8.87
C THR D 100 15.70 10.17 -8.31
N LEU D 101 15.58 10.24 -6.99
CA LEU D 101 14.63 11.15 -6.35
C LEU D 101 15.38 12.28 -5.66
N VAL D 102 14.83 13.49 -5.74
CA VAL D 102 15.32 14.61 -4.95
C VAL D 102 14.20 15.09 -4.04
N PHE D 103 14.44 15.08 -2.72
CA PHE D 103 13.46 15.58 -1.76
C PHE D 103 14.01 16.84 -1.09
N ASP D 104 13.24 17.91 -1.13
CA ASP D 104 13.47 19.02 -0.21
C ASP D 104 12.81 18.65 1.11
N VAL D 105 13.56 18.63 2.20
CA VAL D 105 13.03 18.20 3.48
C VAL D 105 13.36 19.25 4.52
N GLU D 106 12.35 19.63 5.31
CA GLU D 106 12.54 20.49 6.48
C GLU D 106 12.17 19.68 7.72
N LEU D 107 13.11 19.53 8.66
CA LEU D 107 12.82 18.81 9.90
C LEU D 107 12.23 19.83 10.88
N LEU D 108 10.91 19.78 11.05
CA LEU D 108 10.21 20.79 11.83
C LEU D 108 10.43 20.60 13.32
N LYS D 109 10.34 19.36 13.81
CA LYS D 109 10.43 19.10 15.24
C LYS D 109 10.43 17.58 15.43
N LEU D 110 10.76 17.18 16.64
CA LEU D 110 10.69 15.78 17.08
C LEU D 110 9.64 15.66 18.17
N GLU D 111 8.86 14.58 18.12
CA GLU D 111 7.79 14.37 19.10
C GLU D 111 8.02 13.05 19.83
C ACT E . -25.75 15.16 -11.92
O ACT E . -25.70 16.38 -11.56
OXT ACT E . -24.94 14.48 -12.63
CH3 ACT E . -27.01 14.37 -11.42
C ACT F . -25.51 4.03 -3.70
O ACT F . -24.80 4.90 -4.30
OXT ACT F . -26.23 4.19 -2.67
CH3 ACT F . -25.51 2.61 -4.33
C4 R27 G . -8.87 1.14 -0.81
C14 R27 G . -7.67 8.23 -6.82
C5 R27 G . -7.44 1.43 -1.24
C6 R27 G . -7.43 2.17 -2.64
C11 R27 G . -8.95 6.81 -4.59
C7 R27 G . -6.58 3.22 -2.97
C8 R27 G . -5.54 3.77 -1.98
C9 R27 G . -6.65 3.81 -4.38
C10 R27 G . -8.43 5.40 -4.57
C12 R27 G . -7.74 8.61 -3.12
C13 R27 G . -6.87 8.01 -5.54
N1 R27 G . -7.81 7.83 -4.36
N2 R27 G . -2.54 2.22 -3.48
C3 R27 G . -10.93 0.61 1.47
N3 R27 G . -1.56 2.50 -2.47
C1 R27 G . -8.21 -1.22 -0.17
C15 R27 G . -8.72 7.22 -6.99
C16 R27 G . -9.65 7.12 -5.87
C17 R27 G . -5.33 3.62 -5.11
C18 R27 G . -4.97 2.10 -4.99
C19 R27 G . -3.59 1.84 -5.67
C2 R27 G . -8.93 0.04 0.27
C20 R27 G . -2.37 2.19 -4.73
C21 R27 G . -1.01 2.48 -5.49
C22 R27 G . -1.01 3.98 -5.72
C23 R27 G . -1.25 4.58 -6.91
C24 R27 G . -1.23 6.16 -6.98
C25 R27 G . -2.68 6.68 -6.95
C26 R27 G . -2.77 7.98 -7.72
C27 R27 G . -3.13 6.89 -5.47
C28 R27 G . -2.60 8.19 -4.85
C29 R27 G . -0.60 9.52 -4.71
C30 R27 G . -3.15 8.30 -3.44
C31 R27 G . -3.30 7.05 -2.56
C32 R27 G . -1.89 5.30 -1.84
C33 R27 G . -3.97 7.41 -1.32
C34 R27 G . -5.31 8.04 -1.51
C35 R27 G . -5.87 8.53 -0.12
C36 R27 G . -5.24 9.24 -2.47
C37 R27 G . -6.60 9.66 -3.00
C38 R27 G . -1.56 3.77 -8.22
C39 R27 G . 0.21 2.04 -4.71
C40 R27 G . 0.05 0.60 -4.25
C41 R27 G . 0.95 -0.30 -4.54
C42 R27 G . -1.77 2.28 -1.02
C43 R27 G . -3.05 1.71 -0.41
C44 R27 G . -5.52 4.08 -6.56
C45 R27 G . -6.57 0.18 -1.46
C46 R27 G . -6.73 -0.96 -0.44
O1 R27 G . -8.33 -2.21 0.83
O10 R27 G . -4.68 10.34 -1.84
O11 R27 G . -6.83 10.76 -3.35
O12 R27 G . -0.88 2.56 -0.28
O2 R27 G . -10.30 -0.24 0.52
O3 R27 G . -7.01 5.17 -4.29
O4 R27 G . -8.49 8.45 -2.24
O5 R27 G . -9.19 4.52 -4.77
O6 R27 G . -5.90 1.30 -5.59
O7 R27 G . -1.18 8.22 -4.82
O8 R27 G . -1.94 6.64 -2.29
O9 R27 G . -4.46 8.91 -3.65
H7 R27 G . -9.27 1.95 -0.46
H8 R27 G . -9.38 0.83 -1.59
H19 R27 G . -8.09 9.11 -6.77
H18 R27 G . -7.07 8.21 -7.57
H9 R27 G . -7.07 1.98 -0.53
H10 R27 G . -8.04 1.89 -3.27
H15 R27 G . -9.56 6.85 -3.84
H13 R27 G . -5.98 4.08 -1.17
H12 R27 G . -4.90 3.08 -1.75
H11 R27 G . -5.07 4.52 -2.38
H14 R27 G . -7.33 3.33 -4.89
H16 R27 G . -6.33 7.20 -5.65
H17 R27 G . -6.29 8.78 -5.39
H6 R27 G . -10.74 1.54 1.25
H4 R27 G . -10.61 0.41 2.35
H5 R27 G . -11.90 0.47 1.44
H63 R27 G . -0.81 2.83 -2.72
H2 R27 G . -8.63 -1.57 -0.98
H21 R27 G . -9.23 7.45 -7.79
H20 R27 G . -8.29 6.35 -7.12
H22 R27 G . -10.13 7.95 -5.78
H23 R27 G . -10.28 6.41 -6.06
H24 R27 G . -4.61 4.16 -4.75
H25 R27 G . -4.94 1.90 -4.05
H27 R27 G . -3.53 2.39 -6.48
H28 R27 G . -3.53 0.90 -5.92
H3 R27 G . -8.52 0.35 1.09
H29 R27 G . -0.96 1.97 -6.30
H30 R27 G . -0.83 4.53 -4.99
H31 R27 G . -0.80 6.44 -7.81
H32 R27 G . -0.73 6.52 -6.24
H33 R27 G . -3.26 6.04 -7.37
H36 R27 G . -1.99 8.52 -7.54
H34 R27 G . -3.56 8.46 -7.43
H35 R27 G . -2.82 7.78 -8.66
H37 R27 G . -4.10 6.91 -5.44
H38 R27 G . -2.81 6.14 -4.95
H39 R27 G . -2.90 8.94 -5.39
H40 R27 G . -0.53 9.76 -3.77
H42 R27 G . -1.16 10.17 -5.16
H41 R27 G . 0.29 9.52 -5.11
H43 R27 G . -2.47 8.79 -2.94
H44 R27 G . -3.79 6.34 -3.00
H45 R27 G . -1.06 4.89 -2.14
H47 R27 G . -2.64 4.80 -2.22
H46 R27 G . -1.94 5.26 -0.87
H48 R27 G . -4.09 6.60 -0.80
H49 R27 G . -3.40 8.03 -0.83
H50 R27 G . -5.93 7.40 -1.88
H52 R27 G . -6.56 9.19 -0.26
H53 R27 G . -5.15 8.92 0.40
H51 R27 G . -6.23 7.77 0.37
H57 R27 G . -1.93 4.37 -8.89
H55 R27 G . -2.22 3.08 -8.03
H56 R27 G . -0.74 3.36 -8.56
H59 R27 G . 1.00 2.12 -5.27
H58 R27 G . 0.33 2.61 -3.94
H60 R27 G . -0.70 0.35 -3.76
H62 R27 G . 0.83 -1.18 -4.25
H61 R27 G . 1.70 -0.06 -5.02
H65 R27 G . -2.97 1.69 0.55
H64 R27 G . -3.20 0.81 -0.74
H66 R27 G . -3.80 2.28 -0.66
H68 R27 G . -5.68 5.02 -6.59
H69 R27 G . -6.27 3.60 -6.95
H67 R27 G . -4.71 3.87 -7.07
H70 R27 G . -5.64 0.45 -1.44
H71 R27 G . -6.78 -0.19 -2.33
H72 R27 G . -6.32 -1.76 -0.78
H73 R27 G . -6.30 -0.70 0.40
H1 R27 G . -8.77 -1.87 1.48
H54 R27 G . -3.85 10.21 -1.78
H26 R27 G . -5.66 1.13 -6.39
C ACT H . 15.14 -22.03 -17.83
O ACT H . 13.98 -21.58 -18.08
OXT ACT H . 15.48 -23.01 -17.09
CH3 ACT H . 16.31 -21.27 -18.53
C ACT I . 18.44 -8.50 -16.39
O ACT I . 19.65 -8.44 -15.97
OXT ACT I . 17.57 -9.40 -16.17
CH3 ACT I . 18.00 -7.28 -17.26
C4 R27 J . 6.63 -2.51 -5.55
C14 R27 J . 3.10 -11.19 -6.11
C5 R27 J . 5.32 -2.79 -4.81
C6 R27 J . 4.55 -4.01 -5.46
C11 R27 J . 5.21 -9.17 -5.91
C7 R27 J . 3.85 -4.98 -4.77
C8 R27 J . 3.76 -5.02 -3.21
C9 R27 J . 3.12 -6.05 -5.57
C10 R27 J . 4.61 -7.81 -6.16
C12 R27 J . 5.42 -10.04 -3.46
C13 R27 J . 3.19 -10.36 -4.84
N1 R27 J . 4.61 -9.86 -4.66
N2 R27 J . 0.20 -3.70 -3.15
C3 R27 J . 9.53 -1.52 -5.40
N3 R27 J . 0.25 -3.35 -1.77
C1 R27 J . 6.15 -0.04 -5.59
C15 R27 J . 3.63 -10.47 -7.27
C16 R27 J . 5.02 -10.04 -7.12
C17 R27 J . 1.61 -5.96 -5.33
C18 R27 J . 1.17 -4.51 -5.64
C19 R27 J . -0.38 -4.38 -5.42
C2 R27 J . 7.18 -1.11 -5.23
C20 R27 J . -0.74 -4.13 -3.89
C21 R27 J . -2.20 -4.48 -3.44
C22 R27 J . -2.15 -5.94 -3.03
C23 R27 J . -2.56 -6.97 -3.82
C24 R27 J . -2.41 -8.44 -3.25
C25 R27 J . -1.17 -9.13 -3.84
C26 R27 J . -1.39 -10.61 -3.86
C27 R27 J . 0.09 -8.76 -3.01
C28 R27 J . 0.24 -9.60 -1.73
C29 R27 J . -1.11 -10.42 0.10
C30 R27 J . 1.55 -9.26 -1.06
C31 R27 J . 2.01 -7.80 -1.03
C32 R27 J . 1.11 -5.71 -0.35
C33 R27 J . 3.34 -7.71 -0.44
C34 R27 J . 4.37 -8.56 -1.10
C35 R27 J . 5.70 -8.56 -0.25
C36 R27 J . 3.90 -10.00 -1.27
C37 R27 J . 4.74 -10.79 -2.27
C38 R27 J . -3.14 -6.78 -5.27
C39 R27 J . -2.69 -3.61 -2.33
C40 R27 J . -2.51 -2.15 -2.71
C41 R27 J . -3.51 -1.32 -2.67
C42 R27 J . 1.42 -2.65 -1.23
C43 R27 J . 2.61 -2.28 -2.12
C44 R27 J . 0.93 -6.97 -6.26
C45 R27 J . 4.30 -1.62 -4.90
C46 R27 J . 4.89 -0.20 -4.74
O1 R27 J . 6.71 1.23 -5.38
O10 R27 J . 3.91 -10.65 -0.04
O11 R27 J . 4.87 -11.97 -2.22
O12 R27 J . 1.49 -2.35 -0.09
O2 R27 J . 8.35 -0.92 -5.98
O3 R27 J . 3.63 -7.30 -5.19
O4 R27 J . 6.51 -9.64 -3.37
O5 R27 J . 4.96 -7.19 -7.09
O6 R27 J . 1.48 -4.13 -6.91
O7 R27 J . -0.81 -9.35 -0.82
O8 R27 J . 1.05 -7.11 -0.18
O9 R27 J . 2.55 -10.05 -1.79
H7 R27 J . 7.28 -3.18 -5.28
H8 R27 J . 6.48 -2.59 -6.50
H19 R27 J . 3.61 -12.00 -5.99
H18 R27 J . 2.17 -11.41 -6.27
H9 R27 J . 5.57 -2.98 -3.90
H10 R27 J . 4.58 -4.09 -6.39
H15 R27 J . 6.16 -9.00 -5.75
H13 R27 J . 4.36 -4.36 -2.84
H12 R27 J . 4.01 -5.90 -2.90
H11 R27 J . 2.85 -4.82 -2.95
H14 R27 J . 3.27 -5.91 -6.52
H16 R27 J . 2.59 -9.61 -4.91
H17 R27 J . 2.95 -10.92 -4.08
H6 R27 J . 10.10 -1.83 -6.11
H4 R27 J . 9.25 -2.27 -4.85
H5 R27 J . 9.99 -0.87 -4.86
H63 R27 J . -0.41 -3.55 -1.26
H2 R27 J . 5.91 -0.09 -6.53
H21 R27 J . 3.57 -11.05 -8.04
H20 R27 J . 3.08 -9.68 -7.42
H22 R27 J . 5.58 -10.82 -7.04
H23 R27 J . 5.28 -9.54 -7.92
H24 R27 J . 1.37 -6.18 -4.43
H25 R27 J . 1.65 -3.91 -5.04
H27 R27 J . -0.80 -5.20 -5.71
H28 R27 J . -0.70 -3.62 -5.94
H3 R27 J . 7.38 -1.03 -4.28
H29 R27 J . -2.83 -4.32 -4.17
H30 R27 J . -1.84 -6.14 -2.19
H31 R27 J . -3.20 -8.96 -3.47
H32 R27 J . -2.32 -8.41 -2.28
H33 R27 J . -1.02 -8.82 -4.75
H36 R27 J . -1.80 -10.89 -3.03
H34 R27 J . -0.55 -11.06 -3.98
H35 R27 J . -1.98 -10.84 -4.59
H37 R27 J . 0.05 -7.83 -2.76
H38 R27 J . 0.88 -8.90 -3.55
H39 R27 J . 0.22 -10.54 -1.98
H40 R27 J . -1.31 -10.04 0.97
H42 R27 J . -0.35 -11.01 0.16
H41 R27 J . -1.89 -10.90 -0.22
H43 R27 J . 1.42 -9.46 -0.12
H44 R27 J . 2.03 -7.39 -1.90
H45 R27 J . 0.24 -5.32 -0.16
H47 R27 J . 1.36 -5.51 -1.26
H46 R27 J . 1.77 -5.35 0.26
H48 R27 J . 3.63 -6.78 -0.49
H49 R27 J . 3.28 -7.97 0.50
H50 R27 J . 4.56 -8.18 -1.97
H52 R27 J . 5.76 -9.40 0.25
H53 R27 J . 5.70 -7.82 0.37
H51 R27 J . 6.47 -8.49 -0.83
H57 R27 J . -2.72 -6.02 -5.70
H55 R27 J . -4.10 -6.64 -5.22
H56 R27 J . -2.96 -7.58 -5.80
H59 R27 J . -3.63 -3.79 -2.15
H58 R27 J . -2.18 -3.80 -1.52
H60 R27 J . -1.67 -1.85 -2.97
H62 R27 J . -4.35 -1.61 -2.41
H61 R27 J . -3.37 -0.43 -2.90
H65 R27 J . 3.42 -2.28 -1.58
H64 R27 J . 2.47 -1.40 -2.50
H66 R27 J . 2.70 -2.93 -2.83
H68 R27 J . 0.97 -6.66 -7.17
H69 R27 J . 0.00 -7.08 -5.99
H67 R27 J . 1.38 -7.83 -6.18
H70 R27 J . 3.87 -1.67 -5.76
H71 R27 J . 3.64 -1.75 -4.19
H72 R27 J . 4.22 0.44 -5.03
H73 R27 J . 5.11 -0.05 -3.81
H1 R27 J . 6.62 1.44 -4.56
H54 R27 J . 4.62 -11.11 0.02
H26 R27 J . 0.80 -3.79 -7.30
C4 R27 K . -6.61 -0.09 5.86
C14 R27 K . -3.10 -7.75 10.31
C5 R27 K . -5.27 -0.63 5.36
C6 R27 K . -4.56 -1.46 6.50
C11 R27 K . -5.17 -5.97 9.22
C7 R27 K . -3.93 -2.66 6.31
C8 R27 K . -3.86 -3.39 4.94
C9 R27 K . -3.22 -3.28 7.51
C10 R27 K . -4.56 -4.63 8.88
C12 R27 K . -5.34 -7.81 7.38
C13 R27 K . -3.13 -7.49 8.82
N1 R27 K . -4.55 -7.12 8.40
N2 R27 K . -0.13 -2.19 4.16
C3 R27 K . -9.46 0.57 5.20
N3 R27 K . -1.46 -1.82 3.80
C1 R27 K . -6.19 2.19 4.81
C15 R27 K . -3.66 -6.62 11.07
C16 R27 K . -5.02 -6.23 10.69
C17 R27 K . -1.71 -3.24 7.29
C18 R27 K . -1.35 -1.76 6.93
C19 R27 K . 0.17 -1.60 6.63
C2 R27 K . -7.14 1.01 4.93
C20 R27 K . 0.59 -2.12 5.19
C21 R27 K . 2.07 -2.63 5.05
C22 R27 K . 2.08 -4.13 5.22
C23 R27 K . 2.52 -4.73 6.37
C24 R27 K . 2.46 -6.31 6.49
C25 R27 K . 1.19 -6.73 7.25
C26 R27 K . 1.47 -8.08 7.87
C27 R27 K . -0.05 -6.72 6.28
C28 R27 K . -0.20 -8.02 5.50
C29 R27 K . 1.07 -9.53 4.15
C30 R27 K . -1.51 -8.01 4.76
C31 R27 K . -2.04 -6.74 4.07
C32 R27 K . -1.15 -5.10 2.63
C33 R27 K . -3.38 -7.03 3.56
C34 R27 K . -4.38 -7.51 4.58
C35 R27 K . -5.73 -7.90 3.85
C36 R27 K . -3.84 -8.69 5.38
C37 R27 K . -4.62 -8.97 6.66
C38 R27 K . 3.05 -3.92 7.60
C39 R27 K . 2.61 -2.28 3.68
C40 R27 K . 2.43 -0.82 3.32
C41 R27 K . 3.47 -0.05 3.09
C42 R27 K . -1.76 -1.64 2.36
C43 R27 K . -3.16 -1.25 1.86
C44 R27 K . -0.99 -3.73 8.55
C45 R27 K . -4.29 0.51 5.03
C46 R27 K . -4.86 1.70 4.24
O1 R27 K . -6.74 3.16 3.96
O10 R27 K . -3.79 -9.85 4.62
O11 R27 K . -4.68 -10.05 7.15
O12 R27 K . -0.90 -1.81 1.55
O2 R27 K . -8.36 1.44 5.48
O3 R27 K . -3.66 -4.60 7.73
O4 R27 K . -6.43 -7.48 7.11
O5 R27 K . -4.83 -3.69 9.53
O6 R27 K . -1.61 -0.94 7.98
O7 R27 K . 0.87 -8.18 4.57
O8 R27 K . -1.13 -6.47 2.98
O9 R27 K . -2.46 -8.43 5.80
H7 R27 K . -7.25 -0.81 5.89
H8 R27 K . -6.49 0.28 6.74
H19 R27 K . -3.62 -8.54 10.50
H18 R27 K . -2.18 -7.89 10.58
H9 R27 K . -5.47 -1.19 4.60
H10 R27 K . -4.57 -1.10 7.36
H15 R27 K . -6.10 -5.88 8.97
H13 R27 K . -4.29 -2.84 4.26
H12 R27 K . -2.94 -3.54 4.70
H11 R27 K . -4.32 -4.24 4.99
H14 R27 K . -3.43 -2.75 8.30
H16 R27 K . -2.53 -6.76 8.61
H17 R27 K . -2.86 -8.29 8.35
H6 R27 K . -9.36 0.20 4.30
H4 R27 K . -10.29 1.07 5.24
H5 R27 K . -9.48 -0.15 5.84
H63 R27 K . -2.07 -1.70 4.40
H2 R27 K . -6.06 2.60 5.69
H21 R27 K . -3.66 -6.87 12.01
H20 R27 K . -3.07 -5.85 10.94
H22 R27 K . -5.62 -6.95 10.94
H23 R27 K . -5.25 -5.43 11.18
H24 R27 K . -1.43 -3.84 6.57
H25 R27 K . -1.89 -1.54 6.16
H27 R27 K . 0.40 -0.66 6.70
H28 R27 K . 0.67 -2.11 7.29
H3 R27 K . -7.29 0.66 4.03
H29 R27 K . 2.64 -2.20 5.71
H30 R27 K . 1.78 -4.66 4.54
H31 R27 K . 3.24 -6.63 6.96
H32 R27 K . 2.44 -6.70 5.60
H33 R27 K . 0.97 -6.12 7.96
H36 R27 K . 2.13 -7.98 8.57
H34 R27 K . 1.81 -8.68 7.18
H35 R27 K . 0.65 -8.44 8.23
H37 R27 K . 0.05 -5.99 5.66
H38 R27 K . -0.84 -6.59 6.81
H39 R27 K . -0.17 -8.76 6.12
H40 R27 K . 1.63 -9.54 3.36
H42 R27 K . 1.51 -10.03 4.86
H41 R27 K . 0.22 -9.95 3.95
H43 R27 K . -1.35 -8.58 3.99
H44 R27 K . -2.08 -5.97 4.65
H45 R27 K . -1.89 -4.65 3.08
H47 R27 K . -0.32 -4.68 2.91
H46 R27 K . -1.25 -5.01 1.67
H48 R27 K . -3.31 -7.71 2.88
H49 R27 K . -3.73 -6.22 3.16
H50 R27 K . -4.59 -6.79 5.19
H52 R27 K . -5.63 -7.83 2.89
H53 R27 K . -6.44 -7.30 4.14
H51 R27 K . -5.97 -8.81 4.08
H57 R27 K . 3.11 -4.50 8.38
H55 R27 K . 2.45 -3.17 7.79
H56 R27 K . 3.94 -3.57 7.40
H59 R27 K . 3.57 -2.48 3.66
H58 R27 K . 2.16 -2.83 3.02
H60 R27 K . 1.57 -0.46 3.24
H62 R27 K . 3.35 0.83 2.87
H61 R27 K . 4.33 -0.41 3.16
H65 R27 K . -3.76 -1.16 2.61
H64 R27 K . -3.50 -1.93 1.26
H66 R27 K . -3.10 -0.40 1.38
H68 R27 K . -1.18 -4.67 8.69
H69 R27 K . -1.29 -3.21 9.31
H67 R27 K . -0.03 -3.61 8.43
H70 R27 K . -3.56 0.13 4.52
H71 R27 K . -3.94 0.85 5.87
H72 R27 K . -4.22 2.43 4.27
H73 R27 K . -4.99 1.43 3.32
H1 R27 K . -7.22 2.77 3.39
H54 R27 K . -3.33 -10.43 5.05
H26 R27 K . -2.39 -0.60 7.90
C ACT L . 1.20 23.45 7.69
O ACT L . 2.13 23.08 8.48
OXT ACT L . 0.84 22.92 6.60
CH3 ACT L . 0.43 24.75 8.12
C4 R27 M . 8.72 1.55 0.01
C14 R27 M . 7.58 10.71 2.24
C5 R27 M . 7.30 2.07 0.20
C6 R27 M . 7.30 3.35 1.12
C11 R27 M . 8.78 8.41 0.87
C7 R27 M . 6.51 4.46 0.92
C8 R27 M . 5.52 4.58 -0.27
C9 R27 M . 6.58 5.59 1.95
C10 R27 M . 8.28 7.14 1.51
C12 R27 M . 7.53 9.37 -1.22
C13 R27 M . 6.75 9.92 1.25
N1 R27 M . 7.65 9.24 0.23
N2 R27 M . 2.31 3.68 1.90
C3 R27 M . 10.63 0.28 -1.95
N3 R27 M . 3.21 3.01 1.01
C1 R27 M . 8.03 -0.83 0.38
C15 R27 M . 8.66 9.92 2.83
C16 R27 M . 9.53 9.24 1.87
C17 R27 M . 5.26 5.66 2.72
C18 R27 M . 4.99 4.22 3.26
C19 R27 M . 3.64 4.17 4.03
C2 R27 M . 8.70 0.14 -0.56
C20 R27 M . 2.38 4.14 3.08
C21 R27 M . 1.07 4.77 3.68
C22 R27 M . 0.95 6.20 3.22
C23 R27 M . 1.22 7.26 4.03
C24 R27 M . 1.10 8.73 3.46
C25 R27 M . 2.48 9.28 3.06
C26 R27 M . 2.42 10.78 3.07
C27 R27 M . 2.86 8.68 1.65
C28 R27 M . 2.34 9.53 0.50
C29 R27 M . 0.36 10.52 -0.42
C30 R27 M . 2.92 9.02 -0.80
C31 R27 M . 3.15 7.52 -1.03
C32 R27 M . 1.83 5.55 -0.81
C33 R27 M . 3.87 7.36 -2.30
C34 R27 M . 5.17 8.11 -2.43
C35 R27 M . 5.72 7.97 -3.91
C36 R27 M . 5.03 9.58 -2.06
C37 R27 M . 6.38 10.25 -1.77
C38 R27 M . 1.67 7.06 5.52
C39 R27 M . -0.15 3.98 3.22
C40 R27 M . 0.01 2.49 3.40
C41 R27 M . -0.92 1.80 4.00
C42 R27 M . 2.63 2.26 -0.13
C43 R27 M . 3.48 1.48 -1.16
C44 R27 M . 5.39 6.72 3.81
C45 R27 M . 6.41 1.05 0.95
C46 R27 M . 6.57 -0.44 0.57
O1 R27 M . 8.09 -2.11 -0.15
O10 R27 M . 4.39 10.32 -3.05
O11 R27 M . 6.58 11.40 -1.91
O12 R27 M . 1.45 2.23 -0.29
O2 R27 M . 10.05 -0.24 -0.74
O3 R27 M . 6.87 6.80 1.29
O4 R27 M . 8.27 8.82 -1.96
O5 R27 M . 9.02 6.48 2.15
O6 R27 M . 5.94 3.83 4.16
O7 R27 M . 0.92 9.51 0.42
O8 R27 M . 1.83 6.92 -1.17
O9 R27 M . 4.21 9.72 -0.86
H7 R27 M . 9.19 2.14 -0.59
H8 R27 M . 9.17 1.56 0.87
H19 R27 M . 7.98 11.47 1.78
H18 R27 M . 7.01 11.03 2.94
H9 R27 M . 6.97 2.28 -0.68
H10 R27 M . 7.87 3.35 1.85
H15 R27 M . 9.37 8.10 0.16
H13 R27 M . 5.73 5.36 -0.79
H12 R27 M . 4.61 4.65 0.08
H11 R27 M . 5.59 3.78 -0.83
H14 R27 M . 7.28 5.42 2.59
H16 R27 M . 6.25 9.26 1.73
H17 R27 M . 6.14 10.53 0.79
H6 R27 M . 11.50 0.66 -1.75
H4 R27 M . 10.06 0.97 -2.32
H5 R27 M . 10.73 -0.44 -2.60
H63 R27 M . 4.06 3.03 1.13
H2 R27 M . 8.48 -0.84 1.25
H21 R27 M . 9.21 10.50 3.38
H20 R27 M . 8.26 9.24 3.39
H22 R27 M . 10.05 9.91 1.39
H23 R27 M . 10.15 8.67 2.35
H24 R27 M . 4.50 5.94 2.17
H25 R27 M . 5.00 3.65 2.48
H27 R27 M . 3.58 4.95 4.60
H28 R27 M . 3.63 3.37 4.58
H3 R27 M . 8.25 0.11 -1.42
H29 R27 M . 1.11 4.75 4.65
H30 R27 M . 0.68 6.38 2.34
H31 R27 M . 0.72 9.32 4.14
H32 R27 M . 0.52 8.73 2.68
H33 R27 M . 3.18 9.00 3.67
H36 R27 M . 1.59 11.07 2.68
H34 R27 M . 3.15 11.13 2.55
H35 R27 M . 2.48 11.09 3.98
H37 R27 M . 2.49 7.79 1.58
H38 R27 M . 3.83 8.62 1.59
H39 R27 M . 2.62 10.45 0.65
H40 R27 M . 0.26 10.17 -1.32
H42 R27 M . 0.94 11.29 -0.45
H41 R27 M . -0.52 10.78 -0.08
H43 R27 M . 2.23 9.20 -1.45
H44 R27 M . 3.63 7.08 -0.32
H45 R27 M . 1.13 5.37 -0.16
H47 R27 M . 2.69 5.32 -0.43
H46 R27 M . 1.68 5.01 -1.60
H48 R27 M . 4.06 6.42 -2.42
H49 R27 M . 3.29 7.66 -3.02
H50 R27 M . 5.82 7.70 -1.83
H52 R27 M . 5.12 8.42 -4.52
H53 R27 M . 5.77 7.03 -4.15
H51 R27 M . 6.60 8.37 -3.96
H57 R27 M . 2.35 6.36 5.57
H55 R27 M . 0.91 6.80 6.07
H56 R27 M . 2.05 7.89 5.87
H59 R27 M . -0.92 4.28 3.74
H58 R27 M . -0.30 4.17 2.29
H60 R27 M . 0.77 2.05 3.08
H62 R27 M . -1.68 2.22 4.33
H61 R27 M . -0.83 0.88 4.12
H65 R27 M . 3.67 0.59 -0.83
H64 R27 M . 4.32 1.96 -1.31
H66 R27 M . 3.00 1.42 -2.00
H68 R27 M . 5.93 6.36 4.54
H69 R27 M . 4.50 6.94 4.16
H67 R27 M . 5.81 7.51 3.45
H70 R27 M . 6.60 1.13 1.90
H71 R27 M . 5.49 1.30 0.78
H72 R27 M . 6.19 -0.98 1.27
H73 R27 M . 6.10 -0.60 -0.27
H1 R27 M . 8.90 -2.28 -0.37
H54 R27 M . 3.68 9.92 -3.26
H26 R27 M . 6.33 3.12 3.90
#